data_3POB
#
_entry.id   3POB
#
_cell.length_a   61.200
_cell.length_b   52.560
_cell.length_c   57.750
_cell.angle_alpha   90.00
_cell.angle_beta   90.00
_cell.angle_gamma   90.00
#
_symmetry.space_group_name_H-M   'P 21 21 2'
#
loop_
_entity.id
_entity.type
_entity.pdbx_description
1 polymer 'Mannan-binding lectin serine protease 1'
2 polymer 'MBL collagen-like peptide'
3 non-polymer 'CALCIUM ION'
4 water water
#
loop_
_entity_poly.entity_id
_entity_poly.type
_entity_poly.pdbx_seq_one_letter_code
_entity_poly.pdbx_strand_id
1 'polypeptide(L)'
;MVECSGNLFTQRTGTITSPDYPNPYPKSSECSYTIDLEEGFMVTLQFEDIFDIEDHPEVPCPYDYIKIKAGSKVWGPFCG
EKSPEPISTQSHSIQILFRSDNSGENRGWRLSYRA
;
A
2 'polypeptide(L)' (ACE)GP(HYP)GP(HYP)GP(HYP)GP(HYP)GKLGP(HYP)GP(HYP)GP(HYP)GP(HYP)(NH2) B,C,D
#
loop_
_chem_comp.id
_chem_comp.type
_chem_comp.name
_chem_comp.formula
ACE non-polymer 'ACETYL GROUP' 'C2 H4 O'
CA non-polymer 'CALCIUM ION' 'Ca 2'
NH2 non-polymer 'AMINO GROUP' 'H2 N'
#
# COMPACT_ATOMS: atom_id res chain seq x y z
N CYS A 4 0.73 6.25 -15.52
CA CYS A 4 1.90 6.72 -14.70
C CYS A 4 3.05 5.75 -14.87
N SER A 5 3.13 5.13 -16.04
CA SER A 5 4.31 4.29 -16.32
C SER A 5 5.26 4.88 -17.32
N GLY A 6 6.42 4.26 -17.50
CA GLY A 6 7.49 4.90 -18.32
C GLY A 6 7.99 6.25 -17.79
N ASN A 7 8.29 6.31 -16.51
CA ASN A 7 8.96 7.50 -16.04
C ASN A 7 10.42 7.07 -16.03
N LEU A 8 11.31 7.84 -16.65
CA LEU A 8 12.71 7.46 -16.77
C LEU A 8 13.60 8.54 -16.25
N PHE A 9 14.52 8.13 -15.40
CA PHE A 9 15.46 9.04 -14.77
C PHE A 9 16.82 8.58 -15.15
N THR A 10 17.58 9.46 -15.79
CA THR A 10 18.95 9.10 -16.23
C THR A 10 20.10 9.99 -15.66
N GLN A 11 19.78 11.06 -14.91
CA GLN A 11 20.83 11.89 -14.25
C GLN A 11 21.36 11.16 -12.99
N ARG A 12 22.60 11.47 -12.58
CA ARG A 12 23.18 10.82 -11.41
C ARG A 12 22.36 11.01 -10.13
N THR A 13 21.55 12.07 -10.07
CA THR A 13 20.72 12.39 -8.87
C THR A 13 19.38 12.90 -9.36
N GLY A 14 18.35 12.69 -8.56
CA GLY A 14 17.02 13.15 -8.94
C GLY A 14 15.99 12.86 -7.86
N THR A 15 14.77 13.17 -8.19
CA THR A 15 13.64 13.12 -7.27
C THR A 15 12.50 12.43 -8.01
N ILE A 16 11.87 11.47 -7.33
CA ILE A 16 10.74 10.74 -7.87
C ILE A 16 9.62 10.76 -6.87
N THR A 17 8.38 10.89 -7.33
CA THR A 17 7.25 10.82 -6.43
C THR A 17 6.10 9.97 -6.96
N SER A 18 5.23 9.66 -6.02
CA SER A 18 3.94 9.08 -6.38
C SER A 18 3.12 10.10 -7.19
N PRO A 19 2.13 9.61 -7.97
CA PRO A 19 1.43 10.59 -8.85
C PRO A 19 0.73 11.66 -8.06
N ASP A 20 0.92 12.93 -8.50
CA ASP A 20 0.19 14.01 -7.85
C ASP A 20 0.70 14.44 -6.48
N TYR A 21 1.74 13.75 -5.92
CA TYR A 21 2.36 14.12 -4.67
C TYR A 21 2.75 15.61 -4.80
N PRO A 22 2.61 16.37 -3.72
CA PRO A 22 2.20 16.02 -2.35
C PRO A 22 0.68 15.89 -2.12
N ASN A 23 -0.12 15.88 -3.17
CA ASN A 23 -1.52 15.58 -2.96
C ASN A 23 -1.79 14.04 -3.03
N PRO A 24 -3.00 13.58 -2.57
CA PRO A 24 -3.21 12.12 -2.53
C PRO A 24 -3.08 11.49 -3.88
N TYR A 25 -2.47 10.30 -3.90
CA TYR A 25 -2.35 9.55 -5.11
C TYR A 25 -3.67 8.97 -5.60
N PRO A 26 -3.79 8.76 -6.92
CA PRO A 26 -5.01 8.22 -7.55
C PRO A 26 -5.28 6.77 -7.21
N LYS A 27 -6.56 6.43 -7.22
CA LYS A 27 -6.95 5.04 -7.03
C LYS A 27 -6.54 4.16 -8.19
N SER A 28 -6.41 2.86 -7.91
CA SER A 28 -6.20 1.88 -8.96
C SER A 28 -5.01 2.24 -9.88
N SER A 29 -3.88 2.61 -9.26
CA SER A 29 -2.67 3.11 -9.98
C SER A 29 -1.78 1.87 -10.08
N GLU A 30 -1.14 1.59 -11.24
CA GLU A 30 -0.02 0.68 -11.23
C GLU A 30 1.05 1.48 -11.98
N CYS A 31 1.96 2.11 -11.23
CA CYS A 31 2.99 3.01 -11.79
C CYS A 31 4.35 2.32 -11.82
N SER A 32 5.22 2.71 -12.76
CA SER A 32 6.56 2.16 -12.91
C SER A 32 7.49 3.32 -13.11
N TYR A 33 8.65 3.24 -12.50
CA TYR A 33 9.67 4.27 -12.65
C TYR A 33 10.96 3.52 -12.89
N THR A 34 11.84 4.09 -13.70
CA THR A 34 13.13 3.43 -14.01
C THR A 34 14.23 4.46 -13.77
N ILE A 35 15.24 4.11 -12.96
CA ILE A 35 16.48 4.84 -12.88
C ILE A 35 17.51 4.05 -13.68
N ASP A 36 18.06 4.61 -14.74
CA ASP A 36 19.00 3.85 -15.56
C ASP A 36 20.28 4.65 -15.76
N LEU A 37 21.33 4.24 -15.07
CA LEU A 37 22.63 4.91 -15.13
C LEU A 37 23.67 4.00 -15.82
N GLU A 38 24.84 4.57 -16.12
CA GLU A 38 25.91 3.79 -16.70
C GLU A 38 26.41 2.73 -15.73
N GLU A 39 27.01 1.66 -16.25
CA GLU A 39 27.63 0.69 -15.34
C GLU A 39 28.67 1.37 -14.41
N GLY A 40 28.73 0.89 -13.17
CA GLY A 40 29.69 1.31 -12.15
C GLY A 40 29.01 2.21 -11.16
N PHE A 41 27.88 2.79 -11.55
CA PHE A 41 27.22 3.69 -10.60
C PHE A 41 26.45 2.81 -9.62
N MET A 42 26.33 3.24 -8.36
CA MET A 42 25.61 2.47 -7.36
C MET A 42 24.63 3.40 -6.66
N VAL A 43 23.36 3.18 -6.92
CA VAL A 43 22.29 4.14 -6.51
C VAL A 43 21.82 3.92 -5.09
N THR A 44 21.72 5.00 -4.35
CA THR A 44 21.04 4.98 -3.05
C THR A 44 19.73 5.67 -3.17
N LEU A 45 18.71 5.10 -2.53
CA LEU A 45 17.36 5.67 -2.52
C LEU A 45 17.12 6.11 -1.12
N GLN A 46 16.74 7.38 -1.02
CA GLN A 46 16.41 7.97 0.28
C GLN A 46 15.07 8.74 0.24
N PHE A 47 14.04 8.21 0.93
CA PHE A 47 12.79 8.90 1.03
C PHE A 47 12.88 10.23 1.76
N GLU A 48 12.04 11.16 1.36
CA GLU A 48 12.03 12.47 2.03
C GLU A 48 10.63 13.03 2.20
N ASP A 49 10.46 14.01 3.10
CA ASP A 49 9.14 14.56 3.35
C ASP A 49 8.18 13.49 3.87
N ILE A 50 6.89 13.78 3.81
CA ILE A 50 5.88 12.86 4.29
C ILE A 50 5.87 11.59 3.45
N PHE A 51 5.75 10.47 4.15
CA PHE A 51 5.56 9.18 3.53
C PHE A 51 4.26 8.64 4.11
N ASP A 52 3.30 8.39 3.23
CA ASP A 52 1.95 7.98 3.67
C ASP A 52 1.36 7.06 2.62
N ILE A 53 1.60 5.75 2.81
CA ILE A 53 1.04 4.76 1.91
C ILE A 53 0.06 3.90 2.69
N GLU A 54 -1.17 3.77 2.20
CA GLU A 54 -2.19 2.98 2.92
C GLU A 54 -1.67 1.65 3.45
N ASP A 55 -1.94 1.39 4.73
CA ASP A 55 -1.51 0.08 5.32
C ASP A 55 -2.67 -0.63 6.01
N HIS A 56 -2.34 -1.63 6.84
CA HIS A 56 -3.34 -2.37 7.57
C HIS A 56 -2.70 -2.80 8.86
N PRO A 57 -3.49 -2.85 9.93
CA PRO A 57 -2.86 -2.98 11.24
C PRO A 57 -2.37 -4.39 11.54
N GLU A 58 -2.83 -5.37 10.81
CA GLU A 58 -2.57 -6.82 11.08
C GLU A 58 -1.73 -7.51 10.03
N VAL A 59 -1.66 -6.95 8.84
CA VAL A 59 -1.15 -7.66 7.66
C VAL A 59 -0.16 -6.66 6.94
N PRO A 60 1.03 -7.11 6.47
CA PRO A 60 1.93 -6.15 5.78
C PRO A 60 1.43 -5.76 4.37
N CYS A 61 1.20 -4.47 4.16
CA CYS A 61 0.89 -3.89 2.85
C CYS A 61 -0.09 -4.66 1.92
N PRO A 62 -1.33 -4.93 2.37
CA PRO A 62 -2.21 -5.74 1.52
C PRO A 62 -2.99 -4.91 0.47
N TYR A 63 -2.95 -3.57 0.54
CA TYR A 63 -3.79 -2.73 -0.30
C TYR A 63 -3.02 -1.91 -1.36
N ASP A 64 -2.13 -1.07 -0.84
CA ASP A 64 -1.19 -0.23 -1.62
C ASP A 64 0.27 -0.52 -1.19
N TYR A 65 1.21 -0.36 -2.12
CA TYR A 65 2.61 -0.59 -1.78
C TYR A 65 3.58 -0.07 -2.79
N ILE A 66 4.81 0.13 -2.33
CA ILE A 66 5.93 0.42 -3.23
C ILE A 66 6.86 -0.85 -3.20
N LYS A 67 7.31 -1.31 -4.36
CA LYS A 67 8.38 -2.38 -4.43
C LYS A 67 9.56 -1.89 -5.27
N ILE A 68 10.78 -2.39 -5.00
CA ILE A 68 11.98 -1.91 -5.73
C ILE A 68 12.69 -3.14 -6.26
N LYS A 69 13.13 -3.07 -7.52
CA LYS A 69 13.84 -4.22 -8.10
C LYS A 69 15.07 -3.72 -8.80
N ALA A 70 16.17 -4.48 -8.66
CA ALA A 70 17.40 -4.19 -9.38
C ALA A 70 17.98 -5.56 -9.73
N GLY A 71 17.96 -5.94 -10.99
CA GLY A 71 18.53 -7.30 -11.33
C GLY A 71 17.63 -8.34 -10.70
N SER A 72 18.18 -9.17 -9.83
CA SER A 72 17.42 -10.21 -9.17
C SER A 72 17.11 -9.76 -7.75
N LYS A 73 17.53 -8.54 -7.42
CA LYS A 73 17.34 -8.02 -6.04
C LYS A 73 15.95 -7.35 -5.91
N VAL A 74 15.28 -7.66 -4.78
CA VAL A 74 13.94 -7.11 -4.57
C VAL A 74 13.83 -6.53 -3.19
N TRP A 75 13.33 -5.29 -3.08
CA TRP A 75 13.05 -4.76 -1.76
C TRP A 75 11.56 -4.47 -1.66
N GLY A 76 11.03 -4.62 -0.44
CA GLY A 76 9.60 -4.33 -0.20
C GLY A 76 8.77 -5.61 -0.18
N PRO A 77 7.42 -5.46 -0.14
CA PRO A 77 6.70 -4.16 -0.30
C PRO A 77 6.83 -3.27 0.90
N PHE A 78 6.71 -1.96 0.67
CA PHE A 78 6.70 -0.97 1.79
C PHE A 78 5.42 -0.20 1.81
N CYS A 79 4.98 0.18 3.00
CA CYS A 79 3.79 1.02 3.12
C CYS A 79 3.77 1.58 4.50
N GLY A 80 2.71 2.31 4.83
CA GLY A 80 2.60 2.95 6.13
C GLY A 80 2.95 4.41 6.20
N GLU A 81 3.15 4.90 7.42
CA GLU A 81 3.38 6.33 7.69
C GLU A 81 4.85 6.64 7.93
N LYS A 82 5.70 5.64 7.80
CA LYS A 82 7.14 5.89 7.96
C LYS A 82 7.90 5.20 6.87
N SER A 83 8.74 5.95 6.17
CA SER A 83 9.43 5.38 5.05
C SER A 83 10.46 4.33 5.50
N PRO A 84 10.84 3.37 4.63
CA PRO A 84 11.97 2.51 5.05
C PRO A 84 13.24 3.36 5.15
N GLU A 85 14.27 2.77 5.78
CA GLU A 85 15.61 3.33 5.84
C GLU A 85 16.18 3.47 4.43
N PRO A 86 17.13 4.39 4.21
CA PRO A 86 17.67 4.54 2.85
C PRO A 86 18.13 3.19 2.31
N ILE A 87 17.95 2.96 1.01
CA ILE A 87 18.27 1.64 0.39
C ILE A 87 19.52 1.78 -0.46
N SER A 88 20.57 1.01 -0.15
CA SER A 88 21.79 0.99 -0.96
C SER A 88 21.59 -0.12 -1.92
N THR A 89 21.22 0.23 -3.17
CA THR A 89 20.93 -0.79 -4.14
C THR A 89 22.13 -1.57 -4.68
N GLN A 90 23.33 -1.00 -4.55
CA GLN A 90 24.53 -1.55 -5.18
C GLN A 90 24.37 -1.83 -6.66
N SER A 91 23.51 -1.03 -7.32
CA SER A 91 23.13 -1.27 -8.70
C SER A 91 23.01 0.03 -9.50
N HIS A 92 23.05 -0.05 -10.83
CA HIS A 92 23.07 1.14 -11.63
C HIS A 92 21.77 1.25 -12.41
N SER A 93 20.88 0.25 -12.32
CA SER A 93 19.63 0.31 -13.07
C SER A 93 18.52 -0.24 -12.16
N ILE A 94 17.53 0.61 -11.80
CA ILE A 94 16.57 0.25 -10.72
C ILE A 94 15.15 0.42 -11.27
N GLN A 95 14.22 -0.47 -10.89
CA GLN A 95 12.81 -0.29 -11.21
C GLN A 95 11.99 -0.12 -9.96
N ILE A 96 11.14 0.91 -9.92
CA ILE A 96 10.34 1.14 -8.76
C ILE A 96 8.88 0.90 -9.24
N LEU A 97 8.14 0.10 -8.49
CA LEU A 97 6.73 -0.14 -8.78
C LEU A 97 5.86 0.38 -7.66
N PHE A 98 4.77 1.06 -8.01
CA PHE A 98 3.85 1.57 -7.02
C PHE A 98 2.43 1.15 -7.39
N ARG A 99 1.79 0.44 -6.48
CA ARG A 99 0.42 -0.03 -6.76
C ARG A 99 -0.51 0.56 -5.76
N SER A 100 -1.63 1.08 -6.26
CA SER A 100 -2.69 1.39 -5.31
C SER A 100 -4.03 0.76 -5.66
N ASP A 101 -4.82 0.51 -4.63
CA ASP A 101 -6.19 -0.06 -4.75
C ASP A 101 -7.27 0.95 -4.94
N ASN A 102 -8.53 0.51 -4.80
CA ASN A 102 -9.62 1.38 -5.25
C ASN A 102 -10.20 2.32 -4.18
N SER A 103 -9.53 2.54 -3.07
CA SER A 103 -10.05 3.40 -2.05
C SER A 103 -8.99 3.92 -1.15
N GLY A 104 -9.31 4.98 -0.46
CA GLY A 104 -8.45 5.53 0.58
C GLY A 104 -7.90 6.85 0.15
N GLU A 105 -7.47 7.61 1.13
CA GLU A 105 -6.88 8.88 0.87
C GLU A 105 -5.58 8.89 1.64
N ASN A 106 -4.51 8.74 0.89
CA ASN A 106 -3.17 8.81 1.50
C ASN A 106 -2.27 9.66 0.60
N ARG A 107 -1.28 10.31 1.20
CA ARG A 107 -0.48 11.32 0.45
C ARG A 107 0.53 10.71 -0.56
N GLY A 108 1.06 9.55 -0.22
CA GLY A 108 2.09 8.94 -1.07
C GLY A 108 3.50 9.10 -0.61
N TRP A 109 4.40 9.25 -1.57
CA TRP A 109 5.78 9.20 -1.25
C TRP A 109 6.64 10.02 -2.19
N ARG A 110 7.81 10.37 -1.66
CA ARG A 110 8.78 11.17 -2.42
C ARG A 110 10.17 10.62 -2.08
N LEU A 111 10.98 10.35 -3.08
CA LEU A 111 12.31 9.98 -2.74
C LEU A 111 13.32 10.78 -3.56
N SER A 112 14.52 10.92 -3.03
CA SER A 112 15.67 11.34 -3.84
C SER A 112 16.58 10.15 -4.07
N TYR A 113 17.19 10.08 -5.24
CA TYR A 113 18.19 9.03 -5.46
C TYR A 113 19.54 9.67 -5.74
N ARG A 114 20.62 8.91 -5.58
CA ARG A 114 21.93 9.47 -5.90
C ARG A 114 22.89 8.34 -6.20
N ALA A 115 23.92 8.64 -7.00
CA ALA A 115 25.04 7.67 -7.31
C ALA A 115 26.33 8.43 -7.59
C ACE B 1 -25.34 31.80 15.79
O ACE B 1 -25.13 32.67 14.89
CH3 ACE B 1 -24.41 31.77 17.01
N GLY B 2 -26.53 31.13 15.83
CA GLY B 2 -27.00 30.25 16.91
C GLY B 2 -26.11 29.06 17.31
N PRO B 3 -26.69 28.06 18.00
CA PRO B 3 -25.81 26.99 18.47
C PRO B 3 -25.44 26.04 17.30
N HYP B 4 -24.26 25.38 17.37
CA HYP B 4 -23.92 24.34 16.39
C HYP B 4 -24.95 23.23 16.30
O HYP B 4 -25.62 22.87 17.29
CB HYP B 4 -22.58 23.79 16.88
CG HYP B 4 -22.01 24.87 17.78
CD HYP B 4 -23.28 25.35 18.48
OD1 HYP B 4 -21.43 25.92 17.01
N GLY B 5 -25.05 22.66 15.11
CA GLY B 5 -25.94 21.59 14.85
C GLY B 5 -25.47 20.30 15.47
N PRO B 6 -26.29 19.26 15.35
CA PRO B 6 -25.96 17.94 15.87
C PRO B 6 -24.85 17.28 15.07
N HYP B 7 -24.22 16.27 15.67
CA HYP B 7 -23.23 15.50 14.92
C HYP B 7 -23.80 15.02 13.56
O HYP B 7 -25.01 14.68 13.48
CB HYP B 7 -22.99 14.32 15.85
CG HYP B 7 -23.25 14.84 17.26
CD HYP B 7 -24.46 15.74 17.05
OD1 HYP B 7 -22.17 15.69 17.58
N GLY B 8 -22.96 15.01 12.52
CA GLY B 8 -23.28 14.36 11.25
C GLY B 8 -23.62 12.88 11.38
N PRO B 9 -24.17 12.24 10.30
CA PRO B 9 -24.41 10.79 10.40
C PRO B 9 -23.09 10.00 10.48
N HYP B 10 -23.13 8.77 10.98
CA HYP B 10 -21.95 7.87 10.93
C HYP B 10 -21.43 7.69 9.49
O HYP B 10 -22.22 7.73 8.54
CB HYP B 10 -22.41 6.56 11.53
CG HYP B 10 -23.72 6.93 12.25
CD HYP B 10 -24.34 8.11 11.53
OD1 HYP B 10 -23.37 7.42 13.53
N GLY B 11 -20.10 7.56 9.35
CA GLY B 11 -19.50 7.43 8.02
C GLY B 11 -19.77 6.05 7.44
N PRO B 12 -19.24 5.81 6.23
CA PRO B 12 -19.47 4.57 5.51
C PRO B 12 -18.72 3.44 6.23
N HYP B 13 -19.15 2.16 6.06
CA HYP B 13 -18.36 1.08 6.68
C HYP B 13 -16.91 1.05 6.15
O HYP B 13 -16.61 1.59 5.07
CB HYP B 13 -19.07 -0.21 6.26
CG HYP B 13 -20.48 0.21 5.81
CD HYP B 13 -20.36 1.66 5.37
OD1 HYP B 13 -21.26 0.18 6.96
N GLY B 14 -16.04 0.42 6.92
CA GLY B 14 -14.64 0.24 6.56
C GLY B 14 -14.50 -0.68 5.35
N LYS B 15 -13.32 -0.67 4.76
CA LYS B 15 -13.10 -1.52 3.57
C LYS B 15 -12.92 -2.97 3.95
N LEU B 16 -13.15 -3.82 2.98
CA LEU B 16 -13.10 -5.26 3.21
C LEU B 16 -11.72 -5.67 3.67
N GLY B 17 -11.66 -6.66 4.57
CA GLY B 17 -10.40 -7.19 5.08
C GLY B 17 -9.66 -7.83 3.96
N PRO B 18 -8.30 -7.91 4.09
CA PRO B 18 -7.56 -8.59 3.06
C PRO B 18 -7.90 -10.07 2.99
N HYP B 19 -7.74 -10.69 1.82
CA HYP B 19 -8.00 -12.13 1.77
C HYP B 19 -7.08 -12.91 2.71
O HYP B 19 -5.89 -12.53 2.91
CB HYP B 19 -7.76 -12.53 0.32
CG HYP B 19 -7.81 -11.20 -0.45
CD HYP B 19 -7.22 -10.21 0.53
OD1 HYP B 19 -9.20 -10.97 -0.67
N GLY B 20 -7.60 -14.05 3.23
CA GLY B 20 -6.80 -14.90 4.11
C GLY B 20 -5.55 -15.48 3.41
N PRO B 21 -4.56 -15.87 4.22
CA PRO B 21 -3.37 -16.48 3.66
C PRO B 21 -3.72 -17.77 2.92
N HYP B 22 -2.88 -18.19 1.98
CA HYP B 22 -3.01 -19.53 1.40
C HYP B 22 -2.98 -20.60 2.50
O HYP B 22 -2.38 -20.36 3.58
CB HYP B 22 -1.67 -19.62 0.68
CG HYP B 22 -1.32 -18.20 0.29
CD HYP B 22 -1.69 -17.40 1.50
OD1 HYP B 22 -2.14 -17.75 -0.81
N GLY B 23 -3.61 -21.73 2.22
CA GLY B 23 -3.66 -22.88 3.14
C GLY B 23 -2.27 -23.45 3.29
N PRO B 24 -2.10 -24.42 4.20
CA PRO B 24 -0.78 -25.07 4.31
C PRO B 24 -0.59 -26.10 3.18
N HYP B 25 0.64 -26.51 2.90
CA HYP B 25 0.85 -27.65 1.98
C HYP B 25 -0.04 -28.87 2.31
O HYP B 25 -0.42 -29.10 3.48
CB HYP B 25 2.34 -28.02 2.17
CG HYP B 25 2.97 -26.76 2.72
CD HYP B 25 1.90 -26.08 3.58
OD1 HYP B 25 3.33 -25.93 1.63
N GLY B 26 -0.40 -29.66 1.27
CA GLY B 26 -1.14 -30.91 1.45
C GLY B 26 -0.44 -31.91 2.37
N PRO B 27 -1.20 -32.89 2.90
CA PRO B 27 -0.60 -34.07 3.50
C PRO B 27 0.37 -34.75 2.50
N HYP B 28 1.19 -35.71 3.01
CA HYP B 28 2.15 -36.53 2.24
C HYP B 28 1.51 -37.43 1.16
O HYP B 28 0.31 -37.74 1.25
CB HYP B 28 2.89 -37.36 3.31
CG HYP B 28 2.65 -36.61 4.62
CD HYP B 28 1.26 -36.01 4.48
OD1 HYP B 28 3.49 -35.47 4.72
C ACE C 1 -28.64 28.60 13.35
O ACE C 1 -28.87 28.58 14.58
CH3 ACE C 1 -29.70 29.00 12.35
N GLY C 2 -27.43 28.35 12.86
CA GLY C 2 -26.12 28.54 13.50
C GLY C 2 -25.13 27.67 12.73
N PRO C 3 -23.91 27.47 13.28
CA PRO C 3 -22.90 26.70 12.53
C PRO C 3 -23.28 25.25 12.33
N HYP C 4 -22.78 24.63 11.24
CA HYP C 4 -22.93 23.17 11.05
C HYP C 4 -22.38 22.35 12.24
O HYP C 4 -21.37 22.77 12.84
CB HYP C 4 -22.15 22.92 9.76
CG HYP C 4 -22.20 24.25 9.04
CD HYP C 4 -22.09 25.31 10.14
OD1 HYP C 4 -23.46 24.42 8.40
N GLY C 5 -23.02 21.21 12.56
CA GLY C 5 -22.58 20.31 13.62
C GLY C 5 -21.20 19.70 13.33
N PRO C 6 -20.66 18.94 14.27
CA PRO C 6 -19.33 18.45 13.92
C PRO C 6 -19.45 17.14 13.13
N HYP C 7 -18.34 16.65 12.54
CA HYP C 7 -18.47 15.43 11.72
C HYP C 7 -19.06 14.29 12.54
O HYP C 7 -18.84 14.18 13.75
CB HYP C 7 -17.02 15.08 11.31
CG HYP C 7 -16.30 16.41 11.42
CD HYP C 7 -16.92 17.11 12.61
OD1 HYP C 7 -16.59 17.17 10.28
N GLY C 8 -19.82 13.44 11.87
CA GLY C 8 -20.30 12.23 12.49
C GLY C 8 -19.21 11.26 12.94
N PRO C 9 -19.62 10.22 13.68
CA PRO C 9 -18.72 9.18 14.15
C PRO C 9 -18.18 8.34 12.97
N HYP C 10 -17.05 7.62 13.19
CA HYP C 10 -16.58 6.78 12.08
C HYP C 10 -17.59 5.66 11.80
O HYP C 10 -18.29 5.18 12.72
CB HYP C 10 -15.23 6.26 12.56
CG HYP C 10 -14.85 7.15 13.71
CD HYP C 10 -16.18 7.51 14.38
OD1 HYP C 10 -14.26 8.32 13.15
N GLY C 11 -17.69 5.27 10.52
CA GLY C 11 -18.54 4.16 10.15
C GLY C 11 -18.11 2.86 10.82
N PRO C 12 -18.89 1.81 10.59
CA PRO C 12 -18.61 0.49 11.17
C PRO C 12 -17.33 -0.15 10.55
N HYP C 13 -16.72 -1.11 11.26
CA HYP C 13 -15.50 -1.80 10.79
C HYP C 13 -15.88 -2.55 9.55
O HYP C 13 -17.01 -3.12 9.48
CB HYP C 13 -15.29 -2.85 11.87
CG HYP C 13 -15.92 -2.27 13.11
CD HYP C 13 -17.20 -1.67 12.54
OD1 HYP C 13 -15.03 -1.24 13.55
N GLY C 14 -14.97 -2.59 8.58
CA GLY C 14 -15.21 -3.40 7.39
C GLY C 14 -15.44 -4.87 7.65
N LYS C 15 -15.95 -5.56 6.64
CA LYS C 15 -16.20 -7.01 6.74
C LYS C 15 -14.92 -7.83 6.84
N LEU C 16 -14.98 -8.94 7.56
CA LEU C 16 -13.92 -9.94 7.56
C LEU C 16 -13.51 -10.27 6.10
N GLY C 17 -12.21 -10.33 5.84
CA GLY C 17 -11.74 -10.76 4.54
C GLY C 17 -12.17 -12.18 4.14
N PRO C 18 -12.13 -12.46 2.86
CA PRO C 18 -12.55 -13.78 2.42
C PRO C 18 -11.52 -14.83 2.76
N HYP C 19 -11.93 -16.09 2.78
CA HYP C 19 -10.97 -17.14 2.97
C HYP C 19 -9.83 -17.09 1.92
O HYP C 19 -10.04 -16.77 0.74
CB HYP C 19 -11.76 -18.44 2.84
CG HYP C 19 -13.19 -18.07 3.13
CD HYP C 19 -13.30 -16.66 2.55
OD1 HYP C 19 -13.27 -17.91 4.53
N GLY C 20 -8.64 -17.47 2.37
CA GLY C 20 -7.54 -17.75 1.48
C GLY C 20 -7.71 -18.85 0.47
N PRO C 21 -6.80 -18.85 -0.51
CA PRO C 21 -6.74 -19.91 -1.50
C PRO C 21 -6.18 -21.21 -0.93
N HYP C 22 -6.36 -22.34 -1.65
CA HYP C 22 -5.83 -23.64 -1.23
C HYP C 22 -4.32 -23.56 -1.13
O HYP C 22 -3.66 -22.74 -1.87
CB HYP C 22 -6.23 -24.62 -2.33
CG HYP C 22 -7.49 -24.00 -2.88
CD HYP C 22 -7.21 -22.50 -2.90
OD1 HYP C 22 -8.55 -24.33 -2.02
N GLY C 23 -3.79 -24.39 -0.23
CA GLY C 23 -2.34 -24.57 -0.12
C GLY C 23 -1.76 -25.23 -1.38
N PRO C 24 -0.41 -25.23 -1.49
CA PRO C 24 0.23 -26.03 -2.56
C PRO C 24 0.21 -27.54 -2.27
N HYP C 25 0.54 -28.36 -3.29
CA HYP C 25 0.60 -29.82 -3.10
C HYP C 25 1.55 -30.20 -1.97
O HYP C 25 2.59 -29.56 -1.81
CB HYP C 25 1.15 -30.33 -4.42
CG HYP C 25 0.64 -29.29 -5.42
CD HYP C 25 0.81 -27.97 -4.70
OD1 HYP C 25 -0.74 -29.54 -5.61
N GLY C 26 1.14 -31.19 -1.18
CA GLY C 26 1.99 -31.80 -0.11
C GLY C 26 3.24 -32.56 -0.58
N PRO C 27 3.95 -33.25 0.34
CA PRO C 27 5.17 -34.00 -0.07
C PRO C 27 4.92 -35.43 -0.64
N HYP C 28 6.01 -36.10 -1.15
CA HYP C 28 6.02 -37.39 -1.89
C HYP C 28 6.05 -38.65 -1.00
O HYP C 28 5.13 -38.88 -0.19
CB HYP C 28 7.31 -37.33 -2.71
CG HYP C 28 8.22 -36.28 -2.06
CD HYP C 28 7.43 -35.72 -0.88
OD1 HYP C 28 8.53 -35.21 -2.94
C ACE D 1 -29.49 25.45 14.29
O ACE D 1 -30.15 25.23 13.27
CH3 ACE D 1 -30.17 25.71 15.63
N GLY D 2 -28.18 25.10 14.35
CA GLY D 2 -27.40 24.77 13.16
C GLY D 2 -27.75 23.45 12.53
N PRO D 3 -27.30 23.27 11.30
CA PRO D 3 -27.59 22.03 10.62
C PRO D 3 -26.67 20.88 11.08
N HYP D 4 -27.12 19.64 10.89
CA HYP D 4 -26.19 18.54 11.23
C HYP D 4 -24.86 18.64 10.48
O HYP D 4 -24.72 19.32 9.41
CB HYP D 4 -26.91 17.27 10.72
CG HYP D 4 -28.38 17.70 10.63
CD HYP D 4 -28.35 19.19 10.24
OD1 HYP D 4 -28.94 17.53 11.92
N GLY D 5 -23.88 17.98 11.07
CA GLY D 5 -22.56 18.06 10.52
C GLY D 5 -22.37 17.14 9.33
N PRO D 6 -21.17 17.19 8.75
CA PRO D 6 -20.73 16.28 7.67
C PRO D 6 -20.81 14.84 8.12
N HYP D 7 -21.06 13.88 7.18
CA HYP D 7 -20.94 12.50 7.62
C HYP D 7 -19.54 12.19 8.15
O HYP D 7 -18.56 12.87 7.80
CB HYP D 7 -21.18 11.64 6.36
CG HYP D 7 -21.71 12.60 5.33
CD HYP D 7 -21.21 13.97 5.71
OD1 HYP D 7 -23.08 12.51 5.54
N GLY D 8 -19.47 11.19 9.02
CA GLY D 8 -18.23 10.71 9.60
C GLY D 8 -17.31 10.09 8.55
N PRO D 9 -16.07 9.77 8.97
CA PRO D 9 -15.13 9.14 8.05
C PRO D 9 -15.45 7.62 7.92
N HYP D 10 -14.97 6.96 6.80
CA HYP D 10 -15.11 5.49 6.67
C HYP D 10 -14.61 4.83 7.94
O HYP D 10 -13.67 5.36 8.57
CB HYP D 10 -14.25 5.12 5.47
CG HYP D 10 -14.02 6.40 4.73
CD HYP D 10 -13.95 7.43 5.85
OD1 HYP D 10 -15.13 6.62 3.90
N GLY D 11 -15.22 3.75 8.38
CA GLY D 11 -14.69 2.91 9.46
C GLY D 11 -13.31 2.23 9.15
N PRO D 12 -12.74 1.53 10.12
CA PRO D 12 -11.42 0.82 10.04
C PRO D 12 -11.54 -0.39 9.12
N HYP D 13 -10.38 -0.89 8.61
CA HYP D 13 -10.48 -1.98 7.67
C HYP D 13 -10.89 -3.24 8.39
O HYP D 13 -10.56 -3.45 9.57
CB HYP D 13 -9.03 -2.17 7.22
CG HYP D 13 -8.42 -0.82 7.49
CD HYP D 13 -8.99 -0.38 8.82
OD1 HYP D 13 -8.84 0.07 6.49
N GLY D 14 -11.52 -4.11 7.62
CA GLY D 14 -11.76 -5.49 8.02
C GLY D 14 -10.59 -6.31 8.41
N LYS D 15 -10.82 -7.32 9.22
CA LYS D 15 -9.77 -8.29 9.57
C LYS D 15 -9.28 -9.16 8.44
N LEU D 16 -8.00 -9.61 8.53
CA LEU D 16 -7.45 -10.68 7.68
C LEU D 16 -8.42 -11.84 7.60
N GLY D 17 -8.67 -12.34 6.39
CA GLY D 17 -9.49 -13.56 6.21
C GLY D 17 -8.93 -14.83 6.84
N PRO D 18 -9.79 -15.83 7.04
CA PRO D 18 -9.29 -17.13 7.44
C PRO D 18 -8.31 -17.75 6.46
N HYP D 19 -7.39 -18.60 6.95
CA HYP D 19 -6.60 -19.34 6.02
C HYP D 19 -7.40 -20.19 5.08
O HYP D 19 -8.51 -20.67 5.41
CB HYP D 19 -5.79 -20.25 6.93
CG HYP D 19 -5.68 -19.47 8.20
CD HYP D 19 -7.09 -18.95 8.37
OD1 HYP D 19 -4.88 -18.30 8.11
N GLY D 20 -6.83 -20.39 3.90
CA GLY D 20 -7.37 -21.30 2.93
C GLY D 20 -7.22 -22.75 3.32
N PRO D 21 -7.83 -23.63 2.54
CA PRO D 21 -7.78 -25.09 2.81
C PRO D 21 -6.37 -25.65 2.54
N HYP D 22 -6.08 -26.80 3.14
CA HYP D 22 -4.88 -27.53 2.82
C HYP D 22 -4.78 -27.87 1.33
O HYP D 22 -5.82 -28.03 0.65
CB HYP D 22 -4.97 -28.76 3.69
CG HYP D 22 -5.88 -28.37 4.85
CD HYP D 22 -6.85 -27.36 4.27
OD1 HYP D 22 -5.08 -27.77 5.89
N GLY D 23 -3.53 -27.89 0.84
CA GLY D 23 -3.26 -28.23 -0.56
C GLY D 23 -3.65 -29.66 -0.91
N PRO D 24 -3.55 -30.02 -2.21
CA PRO D 24 -3.83 -31.40 -2.60
C PRO D 24 -2.65 -32.31 -2.18
N HYP D 25 -2.89 -33.63 -2.00
CA HYP D 25 -1.85 -34.51 -1.43
C HYP D 25 -0.66 -34.54 -2.40
O HYP D 25 -0.79 -34.11 -3.56
CB HYP D 25 -2.51 -35.87 -1.28
CG HYP D 25 -3.98 -35.66 -1.60
CD HYP D 25 -4.00 -34.47 -2.55
OD1 HYP D 25 -4.68 -35.21 -0.46
N GLY D 26 0.48 -35.02 -1.93
CA GLY D 26 1.62 -35.12 -2.83
C GLY D 26 1.70 -36.50 -3.48
N PRO D 27 2.77 -36.74 -4.30
CA PRO D 27 3.11 -38.13 -4.72
C PRO D 27 2.92 -39.19 -3.56
N HYP D 28 2.58 -40.47 -3.89
CA HYP D 28 2.01 -41.39 -2.88
C HYP D 28 3.03 -41.86 -1.83
O HYP D 28 2.77 -41.74 -0.63
CB HYP D 28 1.48 -42.57 -3.68
CG HYP D 28 2.12 -42.51 -5.05
CD HYP D 28 3.02 -41.27 -5.07
OD1 HYP D 28 1.13 -42.35 -6.05
CA CA E . -5.59 2.70 -1.27
#